data_7AF2
#
_entry.id   7AF2
#
_cell.length_a   46.914
_cell.length_b   81.357
_cell.length_c   91.053
_cell.angle_alpha   90.000
_cell.angle_beta   90.000
_cell.angle_gamma   90.000
#
_symmetry.space_group_name_H-M   'P 21 21 21'
#
loop_
_entity.id
_entity.type
_entity.pdbx_description
1 polymer Sialidase
2 non-polymer GLYCEROL
3 non-polymer 'PHOSPHATE ION'
4 water water
#
_entity_poly.entity_id   1
_entity_poly.type   'polypeptide(L)'
_entity_poly.pdbx_seq_one_letter_code
;EKSVVFKAEGEHFTDQKGNTIVGSGSGGTTKYFRIPAMCTTSKGTIVVFADARHNTASGQSFIDTAAARSTDGGKTWNKK
IAIYNDRVNSKLSRVMDPTCIVANIQGRETILVMVGKWNNNDKTWGAYRDKAPDTDWDLVLYKSTDDGVTFSKVETNIHD
IVTKNGTISAMLGGVGSGLQLNDGKLVFPVQMVRTKNITTVLNTSFIYSTDGITWSLPSGYCEGFGSENNIIEFNASLVN
NIRNSGLRRSFETKDFGKTWTEFPPMDKKVDNRNHGVQGSTITIPSGNKLVAAHSSAQNKNNDYTRSDISLYAHNLYSGE
VKLIDDFYPKVGNASGAGYSCLSYRKNVDKETLYVVYEANGSIEFQDLSRHLPVIKSYN
;
_entity_poly.pdbx_strand_id   AAA
#
loop_
_chem_comp.id
_chem_comp.type
_chem_comp.name
_chem_comp.formula
GOL non-polymer GLYCEROL 'C3 H8 O3'
PO4 non-polymer 'PHOSPHATE ION' 'O4 P -3'
#
# COMPACT_ATOMS: atom_id res chain seq x y z
N GLU A 1 6.27 -14.52 -15.28
CA GLU A 1 5.55 -15.71 -14.73
C GLU A 1 5.27 -15.51 -13.22
N LYS A 2 5.89 -17.24 -11.64
N LYS A 2 6.12 -16.09 -12.34
CA LYS A 2 6.18 -16.17 -10.66
CA LYS A 2 6.17 -16.10 -10.84
C LYS A 2 7.67 -15.99 -10.37
C LYS A 2 7.65 -15.99 -10.37
N SER A 3 7.97 -15.09 -9.44
N SER A 3 7.92 -15.10 -9.43
CA SER A 3 9.35 -14.87 -8.97
CA SER A 3 9.32 -14.87 -8.99
C SER A 3 9.32 -14.45 -7.50
C SER A 3 9.34 -14.40 -7.52
N VAL A 4 10.41 -14.72 -6.81
CA VAL A 4 10.56 -14.30 -5.41
C VAL A 4 11.25 -12.94 -5.42
N VAL A 5 10.57 -11.94 -4.88
CA VAL A 5 11.11 -10.58 -4.79
C VAL A 5 12.07 -10.50 -3.59
N PHE A 6 11.53 -10.85 -2.40
CA PHE A 6 12.28 -10.86 -1.16
C PHE A 6 12.11 -12.20 -0.52
N LYS A 7 13.21 -12.89 -0.25
CA LYS A 7 13.17 -14.21 0.35
C LYS A 7 13.33 -14.14 1.87
N ALA A 8 12.33 -14.61 2.61
CA ALA A 8 12.45 -14.74 4.07
C ALA A 8 13.72 -15.50 4.38
N GLU A 9 14.51 -14.98 5.32
CA GLU A 9 15.75 -15.65 5.79
C GLU A 9 16.72 -15.91 4.61
N GLY A 10 16.68 -15.05 3.60
CA GLY A 10 17.49 -15.21 2.41
C GLY A 10 18.04 -13.93 1.84
N GLU A 11 17.95 -12.83 2.55
CA GLU A 11 18.45 -11.52 2.09
C GLU A 11 19.37 -10.95 3.16
N HIS A 12 20.39 -10.24 2.70
CA HIS A 12 21.30 -9.48 3.54
C HIS A 12 21.35 -8.05 3.04
N PHE A 13 21.01 -7.12 3.86
CA PHE A 13 21.09 -5.71 3.54
C PHE A 13 22.23 -5.06 4.28
N THR A 14 22.62 -3.86 3.84
CA THR A 14 23.61 -3.02 4.52
C THR A 14 22.97 -1.71 4.92
N ASP A 15 23.56 -1.12 5.98
CA ASP A 15 23.09 0.15 6.54
C ASP A 15 23.74 1.30 5.79
N GLN A 16 23.53 2.52 6.27
CA GLN A 16 23.96 3.72 5.53
C GLN A 16 25.46 3.79 5.40
N LYS A 17 26.18 3.29 6.38
N LYS A 17 26.19 3.27 6.34
CA LYS A 17 27.66 3.21 6.47
CA LYS A 17 27.65 3.28 6.28
C LYS A 17 28.23 2.02 5.70
C LYS A 17 28.16 2.17 5.41
N GLY A 18 27.33 1.17 5.19
CA GLY A 18 27.74 0.02 4.44
C GLY A 18 28.03 -1.18 5.31
N ASN A 19 27.67 -1.16 6.58
CA ASN A 19 27.84 -2.32 7.45
C ASN A 19 26.63 -3.25 7.34
N THR A 20 26.84 -4.58 7.31
N THR A 20 26.91 -4.45 7.78
CA THR A 20 25.69 -5.52 7.17
CA THR A 20 25.93 -5.53 7.70
C THR A 20 24.73 -5.35 8.32
C THR A 20 24.71 -5.18 8.55
N ILE A 21 23.48 -5.57 8.07
CA ILE A 21 22.35 -5.58 9.00
C ILE A 21 22.15 -7.04 9.39
N VAL A 22 22.55 -7.37 10.61
CA VAL A 22 22.44 -8.77 11.09
C VAL A 22 21.06 -8.93 11.65
N GLY A 23 20.21 -9.65 10.92
CA GLY A 23 18.89 -10.00 11.34
C GLY A 23 18.85 -11.35 12.04
N SER A 24 17.62 -11.78 12.33
CA SER A 24 17.37 -13.02 13.09
C SER A 24 17.04 -14.21 12.18
N GLY A 25 17.01 -14.01 10.88
CA GLY A 25 16.96 -15.13 10.02
C GLY A 25 18.23 -15.95 10.03
N SER A 26 18.13 -17.21 9.54
CA SER A 26 19.31 -18.05 9.48
C SER A 26 20.48 -17.35 8.87
N GLY A 27 21.66 -17.42 9.34
CA GLY A 27 22.82 -16.77 8.77
C GLY A 27 22.84 -15.26 8.95
N GLY A 28 22.04 -14.72 9.84
CA GLY A 28 21.99 -13.27 10.03
C GLY A 28 21.21 -12.54 8.95
N THR A 29 20.38 -13.25 8.21
CA THR A 29 19.51 -12.65 7.20
C THR A 29 18.35 -11.90 7.86
N THR A 30 17.68 -11.09 7.03
CA THR A 30 16.41 -10.52 7.43
C THR A 30 15.37 -11.64 7.66
N LYS A 31 14.72 -11.60 8.81
CA LYS A 31 13.83 -12.69 9.19
C LYS A 31 12.56 -12.78 8.33
N TYR A 32 11.91 -11.66 8.05
CA TYR A 32 10.54 -11.73 7.54
C TYR A 32 10.26 -10.45 6.76
N PHE A 33 9.47 -10.55 5.72
CA PHE A 33 9.03 -9.40 4.95
C PHE A 33 7.51 -9.29 5.02
N ARG A 34 7.01 -8.05 5.07
CA ARG A 34 5.57 -7.82 5.06
C ARG A 34 5.26 -6.56 4.26
N ILE A 35 3.98 -6.45 3.90
CA ILE A 35 3.34 -5.19 3.48
C ILE A 35 3.94 -4.70 2.16
N PRO A 36 3.73 -5.45 1.05
CA PRO A 36 4.32 -5.05 -0.21
C PRO A 36 3.54 -3.92 -0.88
N ALA A 37 4.31 -3.10 -1.64
CA ALA A 37 3.77 -1.99 -2.41
C ALA A 37 4.52 -1.95 -3.72
N MET A 38 3.84 -1.89 -4.85
CA MET A 38 4.49 -1.95 -6.15
C MET A 38 4.04 -0.78 -7.04
N CYS A 39 5.03 -0.17 -7.69
N CYS A 39 4.94 -0.38 -7.86
CA CYS A 39 4.88 0.89 -8.68
CA CYS A 39 4.58 0.42 -9.00
C CYS A 39 5.70 0.59 -9.92
C CYS A 39 5.59 0.26 -10.03
N THR A 40 5.06 0.61 -11.16
CA THR A 40 5.72 0.34 -12.42
C THR A 40 5.82 1.66 -13.21
N THR A 41 6.98 1.93 -13.80
CA THR A 41 7.20 3.19 -14.48
C THR A 41 6.90 3.10 -15.98
N SER A 42 6.95 4.27 -16.62
CA SER A 42 6.79 4.38 -18.07
C SER A 42 7.86 3.63 -18.84
N LYS A 43 8.98 3.30 -18.21
CA LYS A 43 10.05 2.53 -18.81
C LYS A 43 9.82 1.03 -18.66
N GLY A 44 8.77 0.65 -17.97
CA GLY A 44 8.49 -0.77 -17.68
C GLY A 44 9.15 -1.27 -16.41
N THR A 45 9.87 -0.42 -15.72
CA THR A 45 10.61 -0.79 -14.50
C THR A 45 9.64 -1.03 -13.38
N ILE A 46 9.85 -2.13 -12.64
CA ILE A 46 9.01 -2.49 -11.52
C ILE A 46 9.78 -2.20 -10.22
N VAL A 47 9.18 -1.44 -9.33
CA VAL A 47 9.77 -1.22 -8.00
C VAL A 47 8.78 -1.75 -6.99
N VAL A 48 9.29 -2.62 -6.10
CA VAL A 48 8.52 -3.22 -5.04
C VAL A 48 9.15 -2.83 -3.70
N PHE A 49 8.36 -2.19 -2.87
CA PHE A 49 8.74 -1.86 -1.50
C PHE A 49 8.16 -2.90 -0.56
N ALA A 50 8.82 -3.15 0.57
CA ALA A 50 8.24 -3.99 1.62
C ALA A 50 8.96 -3.67 2.92
N ASP A 51 8.27 -3.91 4.02
CA ASP A 51 8.94 -3.95 5.32
C ASP A 51 9.95 -5.10 5.36
N ALA A 52 11.20 -4.77 5.63
CA ALA A 52 12.26 -5.73 5.95
C ALA A 52 12.25 -5.79 7.49
N ARG A 53 11.50 -6.79 7.99
CA ARG A 53 11.33 -6.98 9.45
C ARG A 53 12.48 -7.91 9.88
N HIS A 54 13.60 -7.26 10.21
CA HIS A 54 14.85 -7.99 10.32
C HIS A 54 14.85 -9.07 11.37
N ASN A 55 14.09 -8.88 12.44
CA ASN A 55 14.15 -9.81 13.59
C ASN A 55 12.91 -10.70 13.74
N THR A 56 11.73 -10.28 13.33
CA THR A 56 10.49 -10.98 13.66
C THR A 56 9.41 -10.44 12.74
N ALA A 57 8.36 -11.23 12.53
CA ALA A 57 7.17 -10.76 11.82
C ALA A 57 6.40 -9.67 12.55
N SER A 58 6.60 -9.50 13.86
CA SER A 58 5.82 -8.52 14.60
C SER A 58 5.98 -7.13 14.02
N GLY A 59 4.89 -6.38 14.05
CA GLY A 59 4.93 -4.95 13.68
C GLY A 59 5.62 -4.06 14.69
N GLN A 60 5.83 -4.55 15.91
CA GLN A 60 6.58 -3.80 16.94
C GLN A 60 7.96 -4.39 17.01
N SER A 61 8.78 -4.04 16.05
CA SER A 61 10.11 -4.64 15.90
C SER A 61 10.97 -3.73 15.03
N PHE A 62 12.18 -4.16 14.72
CA PHE A 62 13.20 -3.34 14.04
C PHE A 62 13.03 -3.54 12.53
N ILE A 63 12.66 -2.46 11.83
CA ILE A 63 12.17 -2.58 10.45
C ILE A 63 12.73 -1.47 9.59
N ASP A 64 13.23 -1.81 8.41
CA ASP A 64 13.59 -0.82 7.37
C ASP A 64 12.69 -1.05 6.15
N THR A 65 12.57 -0.05 5.27
CA THR A 65 11.81 -0.22 4.02
C THR A 65 12.77 -0.65 2.93
N ALA A 66 12.62 -1.91 2.49
CA ALA A 66 13.40 -2.41 1.38
C ALA A 66 12.74 -2.06 0.04
N ALA A 67 13.56 -1.98 -0.99
CA ALA A 67 13.10 -1.76 -2.36
C ALA A 67 13.81 -2.73 -3.27
N ALA A 68 13.01 -3.38 -4.13
CA ALA A 68 13.49 -4.30 -5.15
C ALA A 68 13.11 -3.70 -6.52
N ARG A 69 14.05 -3.73 -7.44
CA ARG A 69 13.85 -3.12 -8.77
C ARG A 69 14.11 -4.17 -9.83
N SER A 70 13.17 -4.32 -10.75
CA SER A 70 13.32 -5.25 -11.88
C SER A 70 13.11 -4.50 -13.20
N THR A 71 14.05 -4.65 -14.09
CA THR A 71 13.96 -4.09 -15.46
C THR A 71 13.79 -5.19 -16.49
N ASP A 72 13.57 -6.43 -16.08
CA ASP A 72 13.37 -7.58 -17.00
C ASP A 72 12.00 -8.21 -16.81
N GLY A 73 11.02 -7.43 -16.43
CA GLY A 73 9.65 -7.93 -16.36
C GLY A 73 9.37 -8.80 -15.12
N GLY A 74 10.17 -8.63 -14.09
CA GLY A 74 9.99 -9.34 -12.83
C GLY A 74 10.71 -10.65 -12.74
N LYS A 75 11.61 -10.95 -13.66
N LYS A 75 11.66 -10.90 -13.63
CA LYS A 75 12.40 -12.18 -13.54
CA LYS A 75 12.44 -12.14 -13.62
C LYS A 75 13.43 -12.03 -12.43
C LYS A 75 13.56 -12.09 -12.58
N THR A 76 14.20 -10.93 -12.44
CA THR A 76 15.29 -10.73 -11.48
C THR A 76 15.12 -9.38 -10.83
N TRP A 77 15.73 -9.27 -9.63
CA TRP A 77 15.54 -8.11 -8.77
C TRP A 77 16.86 -7.65 -8.20
N ASN A 78 17.10 -6.33 -8.25
CA ASN A 78 18.19 -5.68 -7.51
C ASN A 78 17.58 -5.08 -6.25
N LYS A 79 18.18 -5.34 -5.11
CA LYS A 79 17.57 -5.01 -3.81
C LYS A 79 18.48 -4.05 -3.02
N LYS A 80 17.91 -2.97 -2.44
N LYS A 80 17.79 -3.29 -2.19
CA LYS A 80 18.51 -2.06 -1.45
CA LYS A 80 18.49 -2.35 -1.32
C LYS A 80 17.51 -1.88 -0.29
C LYS A 80 17.51 -1.86 -0.30
N ILE A 81 17.99 -1.08 0.68
CA ILE A 81 17.10 -0.36 1.58
C ILE A 81 16.83 1.03 1.00
N ALA A 82 15.55 1.35 0.83
CA ALA A 82 15.14 2.68 0.40
C ALA A 82 15.02 3.69 1.55
N ILE A 83 14.52 3.23 2.70
CA ILE A 83 14.29 4.10 3.86
C ILE A 83 14.79 3.37 5.09
N TYR A 84 15.72 3.99 5.82
CA TYR A 84 16.24 3.45 7.06
C TYR A 84 15.46 3.99 8.25
N ASN A 85 15.20 3.11 9.23
CA ASN A 85 14.68 3.62 10.49
C ASN A 85 15.78 4.43 11.21
N ASP A 86 15.34 5.18 12.22
CA ASP A 86 16.21 6.14 12.91
C ASP A 86 17.28 5.49 13.79
N ARG A 87 17.18 4.21 14.10
CA ARG A 87 18.23 3.53 14.89
C ARG A 87 18.37 4.18 16.26
N VAL A 88 17.22 4.47 16.86
CA VAL A 88 17.15 4.83 18.28
C VAL A 88 17.16 3.61 19.18
N ASN A 89 16.30 2.62 18.82
CA ASN A 89 15.88 1.47 19.65
C ASN A 89 16.19 0.23 18.81
N SER A 90 17.21 -0.63 19.13
CA SER A 90 17.60 -1.81 18.24
C SER A 90 16.48 -2.86 18.19
N LYS A 91 15.49 -2.76 19.11
N LYS A 91 15.48 -2.64 18.98
CA LYS A 91 14.32 -3.64 19.17
CA LYS A 91 14.42 -3.63 19.03
C LYS A 91 13.09 -3.07 18.48
C LYS A 91 13.19 -3.06 18.33
N LEU A 92 12.92 -1.75 18.45
CA LEU A 92 11.62 -1.14 18.11
C LEU A 92 11.70 -0.07 17.03
N SER A 93 12.87 0.47 16.69
CA SER A 93 12.86 1.52 15.67
C SER A 93 12.40 0.93 14.33
N ARG A 94 11.52 1.69 13.65
CA ARG A 94 10.86 1.11 12.48
C ARG A 94 10.36 2.22 11.55
N VAL A 95 10.47 1.90 10.26
CA VAL A 95 9.69 2.56 9.19
C VAL A 95 8.87 1.45 8.56
N MET A 96 7.57 1.71 8.33
CA MET A 96 6.68 0.59 8.03
C MET A 96 5.48 1.01 7.20
N ASP A 97 4.92 -0.04 6.57
N ASP A 97 4.96 -0.02 6.51
CA ASP A 97 3.60 0.02 5.92
CA ASP A 97 3.65 -0.03 5.82
C ASP A 97 3.60 0.91 4.66
C ASP A 97 3.64 0.96 4.67
N PRO A 98 4.41 0.60 3.63
CA PRO A 98 4.50 1.50 2.50
C PRO A 98 3.24 1.60 1.65
N THR A 99 3.10 2.83 1.11
CA THR A 99 2.18 3.14 0.03
C THR A 99 2.98 3.90 -1.02
N CYS A 100 2.86 3.52 -2.29
N CYS A 100 3.07 3.36 -2.35
CA CYS A 100 3.66 4.20 -3.33
CA CYS A 100 3.80 3.81 -3.69
C CYS A 100 2.74 4.80 -4.39
C CYS A 100 2.81 4.71 -4.47
N ILE A 101 3.26 5.79 -5.10
CA ILE A 101 2.63 6.36 -6.28
C ILE A 101 3.68 6.50 -7.35
N VAL A 102 3.32 6.17 -8.60
CA VAL A 102 4.09 6.59 -9.75
C VAL A 102 3.31 7.70 -10.44
N ALA A 103 3.98 8.81 -10.73
CA ALA A 103 3.27 10.00 -11.24
C ALA A 103 4.23 10.83 -12.07
N ASN A 104 3.65 11.64 -12.98
CA ASN A 104 4.41 12.70 -13.64
C ASN A 104 4.08 13.98 -12.89
N ILE A 105 5.05 14.44 -12.09
CA ILE A 105 4.86 15.59 -11.21
C ILE A 105 5.43 16.81 -11.92
N GLN A 106 4.56 17.63 -12.49
CA GLN A 106 4.98 18.77 -13.33
C GLN A 106 5.98 18.28 -14.35
N GLY A 107 5.61 17.17 -15.01
CA GLY A 107 6.39 16.62 -16.10
C GLY A 107 7.42 15.57 -15.71
N ARG A 108 7.71 15.47 -14.42
N ARG A 108 7.95 15.58 -14.44
CA ARG A 108 8.86 14.71 -14.00
CA ARG A 108 9.06 14.69 -13.96
C ARG A 108 8.40 13.36 -13.45
C ARG A 108 8.45 13.38 -13.43
N GLU A 109 8.73 12.26 -14.12
CA GLU A 109 8.28 10.96 -13.67
C GLU A 109 8.96 10.65 -12.34
N THR A 110 8.14 10.36 -11.33
CA THR A 110 8.58 10.24 -9.95
C THR A 110 7.90 9.01 -9.37
N ILE A 111 8.66 8.26 -8.56
CA ILE A 111 8.07 7.26 -7.67
C ILE A 111 8.12 7.86 -6.26
N LEU A 112 6.96 7.98 -5.65
CA LEU A 112 6.83 8.41 -4.24
C LEU A 112 6.58 7.18 -3.37
N VAL A 113 7.15 7.15 -2.18
CA VAL A 113 6.83 6.09 -1.23
C VAL A 113 6.72 6.74 0.16
N MET A 114 5.64 6.42 0.84
CA MET A 114 5.29 7.02 2.14
C MET A 114 5.18 5.90 3.17
N VAL A 115 5.83 6.07 4.31
CA VAL A 115 5.84 5.08 5.39
C VAL A 115 5.68 5.77 6.72
N GLY A 116 5.05 5.05 7.67
CA GLY A 116 5.04 5.52 9.05
C GLY A 116 6.36 5.22 9.74
N LYS A 117 6.64 5.99 10.80
CA LYS A 117 7.92 5.87 11.51
C LYS A 117 7.65 5.99 13.01
N TRP A 118 8.20 5.01 13.74
CA TRP A 118 8.14 4.97 15.21
C TRP A 118 9.52 4.59 15.74
N ASN A 119 9.72 4.84 17.05
CA ASN A 119 11.02 4.51 17.67
C ASN A 119 10.87 3.77 18.98
N ASN A 120 10.20 4.39 19.96
CA ASN A 120 10.14 3.79 21.29
C ASN A 120 8.77 3.18 21.63
N ASN A 121 7.75 3.35 20.80
CA ASN A 121 6.47 2.73 21.11
C ASN A 121 6.57 1.21 21.02
N ASP A 122 6.20 0.54 22.10
CA ASP A 122 6.23 -0.93 22.15
C ASP A 122 4.91 -1.58 21.77
N LYS A 123 3.89 -0.78 21.48
CA LYS A 123 2.57 -1.27 21.09
C LYS A 123 2.21 -0.76 19.70
N THR A 124 1.21 -1.41 19.14
CA THR A 124 0.56 -1.03 17.89
C THR A 124 0.06 0.40 18.00
N TRP A 125 -0.06 1.05 16.85
CA TRP A 125 -0.36 2.48 16.82
C TRP A 125 -1.72 2.82 17.42
N GLY A 126 -2.68 1.91 17.41
CA GLY A 126 -3.97 2.23 17.97
C GLY A 126 -3.95 2.41 19.49
N ALA A 127 -2.87 2.07 20.16
CA ALA A 127 -2.74 2.20 21.63
C ALA A 127 -2.43 3.64 22.04
N TYR A 128 -2.10 4.53 21.13
CA TYR A 128 -1.54 5.84 21.51
C TYR A 128 -2.49 6.96 21.05
N ARG A 129 -3.44 7.31 21.88
CA ARG A 129 -4.50 8.26 21.52
C ARG A 129 -4.48 9.53 22.37
N ASP A 130 -3.50 9.70 23.25
CA ASP A 130 -3.53 10.81 24.20
C ASP A 130 -3.02 12.12 23.63
N LYS A 131 -2.30 12.09 22.51
N LYS A 131 -2.24 12.13 22.55
CA LYS A 131 -1.68 13.29 21.96
CA LYS A 131 -1.65 13.41 22.06
C LYS A 131 -2.12 13.57 20.52
C LYS A 131 -1.92 13.56 20.57
N ALA A 132 -1.93 14.82 20.10
CA ALA A 132 -2.36 15.29 18.77
C ALA A 132 -1.19 15.97 18.11
N PRO A 133 -0.25 15.25 17.48
CA PRO A 133 -0.21 13.78 17.33
C PRO A 133 0.76 13.16 18.35
N ASP A 134 0.82 11.85 18.32
CA ASP A 134 1.78 11.11 19.14
C ASP A 134 3.20 11.62 18.84
N THR A 135 3.96 11.89 19.90
CA THR A 135 5.35 12.35 19.78
C THR A 135 6.29 11.31 19.19
N ASP A 136 5.92 10.00 19.30
CA ASP A 136 6.80 8.95 18.74
C ASP A 136 6.59 8.76 17.24
N TRP A 137 5.49 9.26 16.71
CA TRP A 137 5.07 9.02 15.32
C TRP A 137 5.64 10.06 14.36
N ASP A 138 5.85 9.59 13.13
N ASP A 138 5.90 9.58 13.15
CA ASP A 138 5.95 10.51 11.98
CA ASP A 138 6.09 10.45 11.97
C ASP A 138 5.50 9.74 10.74
C ASP A 138 5.52 9.73 10.74
N LEU A 139 5.37 10.49 9.65
CA LEU A 139 4.92 9.93 8.35
C LEU A 139 5.83 10.57 7.32
N VAL A 140 6.75 9.78 6.78
CA VAL A 140 7.83 10.30 5.93
C VAL A 140 7.60 9.86 4.48
N LEU A 141 8.14 10.69 3.58
CA LEU A 141 7.93 10.57 2.14
C LEU A 141 9.27 10.63 1.46
N TYR A 142 9.55 9.66 0.58
CA TYR A 142 10.76 9.61 -0.20
C TYR A 142 10.39 9.56 -1.68
N LYS A 143 11.28 10.02 -2.53
N LYS A 143 11.30 9.98 -2.53
CA LYS A 143 11.04 10.06 -3.97
CA LYS A 143 11.03 9.96 -3.97
C LYS A 143 12.23 9.50 -4.71
C LYS A 143 12.23 9.53 -4.74
N SER A 144 11.95 9.00 -5.94
CA SER A 144 12.96 8.72 -6.93
C SER A 144 12.56 9.37 -8.24
N THR A 145 13.51 10.07 -8.86
CA THR A 145 13.32 10.63 -10.21
C THR A 145 14.28 10.02 -11.21
N ASP A 146 15.00 8.96 -10.82
CA ASP A 146 15.94 8.23 -11.69
C ASP A 146 15.43 6.80 -11.89
N ASP A 147 14.12 6.63 -12.01
CA ASP A 147 13.54 5.35 -12.41
C ASP A 147 13.73 4.31 -11.33
N GLY A 148 13.76 4.75 -10.06
CA GLY A 148 13.83 3.83 -8.93
C GLY A 148 15.20 3.45 -8.47
N VAL A 149 16.24 4.02 -9.06
CA VAL A 149 17.61 3.69 -8.69
C VAL A 149 17.96 4.29 -7.32
N THR A 150 17.61 5.55 -7.09
CA THR A 150 17.92 6.24 -5.82
C THR A 150 16.66 6.87 -5.30
N PHE A 151 16.54 6.84 -3.97
CA PHE A 151 15.45 7.50 -3.25
C PHE A 151 16.02 8.53 -2.29
N SER A 152 15.36 9.68 -2.21
CA SER A 152 15.75 10.77 -1.33
C SER A 152 14.55 11.23 -0.55
N LYS A 153 14.76 11.71 0.68
N LYS A 153 14.78 11.84 0.62
CA LYS A 153 13.69 12.26 1.49
CA LYS A 153 13.64 12.25 1.45
C LYS A 153 13.07 13.49 0.85
C LYS A 153 13.08 13.52 0.79
N VAL A 154 11.77 13.61 0.90
CA VAL A 154 11.02 14.82 0.50
C VAL A 154 10.66 15.56 1.76
N GLU A 155 10.96 16.85 1.84
CA GLU A 155 10.51 17.68 2.95
C GLU A 155 9.08 18.12 2.66
N THR A 156 8.16 17.76 3.53
CA THR A 156 6.75 18.03 3.34
C THR A 156 6.19 18.82 4.51
N ASN A 157 4.91 19.16 4.40
CA ASN A 157 4.11 19.69 5.50
C ASN A 157 3.15 18.63 6.07
N ILE A 158 3.40 17.35 5.86
CA ILE A 158 2.42 16.32 6.30
C ILE A 158 2.29 16.30 7.82
N HIS A 159 3.44 16.39 8.55
CA HIS A 159 3.34 16.41 10.02
C HIS A 159 2.52 17.65 10.45
N ASP A 160 2.80 18.80 9.83
CA ASP A 160 2.12 20.05 10.19
C ASP A 160 0.61 19.98 9.97
N ILE A 161 0.18 19.42 8.85
CA ILE A 161 -1.29 19.39 8.61
C ILE A 161 -1.97 18.46 9.61
N VAL A 162 -1.28 17.38 10.01
CA VAL A 162 -1.86 16.53 11.07
C VAL A 162 -1.94 17.31 12.38
N THR A 163 -0.90 18.01 12.77
CA THR A 163 -0.90 18.79 14.03
C THR A 163 -2.02 19.84 13.97
N LYS A 164 -2.14 20.54 12.86
N LYS A 164 -2.08 20.56 12.83
CA LYS A 164 -3.13 21.65 12.81
CA LYS A 164 -3.11 21.61 12.54
C LYS A 164 -4.57 21.09 12.79
C LYS A 164 -4.48 21.05 12.87
N ASN A 165 -4.76 19.87 12.29
CA ASN A 165 -6.07 19.23 12.45
C ASN A 165 -6.45 19.09 13.92
N GLY A 166 -5.53 18.61 14.73
CA GLY A 166 -5.73 18.56 16.17
C GLY A 166 -6.52 17.38 16.69
N THR A 167 -7.02 16.50 15.82
CA THR A 167 -7.85 15.37 16.22
C THR A 167 -7.28 14.04 15.76
N ILE A 168 -6.03 14.05 15.35
CA ILE A 168 -5.35 12.87 14.81
C ILE A 168 -4.13 12.54 15.67
N SER A 169 -4.10 11.33 16.20
CA SER A 169 -2.94 10.87 16.94
C SER A 169 -1.83 10.37 16.02
N ALA A 170 -2.22 9.73 14.90
CA ALA A 170 -1.24 9.19 13.95
C ALA A 170 -1.95 8.95 12.62
N MET A 171 -1.17 8.92 11.56
CA MET A 171 -1.69 8.72 10.19
C MET A 171 -0.69 7.88 9.43
N LEU A 172 -1.25 7.04 8.52
CA LEU A 172 -0.49 6.15 7.66
C LEU A 172 -1.10 6.23 6.27
N GLY A 173 -0.33 5.89 5.22
CA GLY A 173 -0.98 5.62 3.96
C GLY A 173 -1.87 4.39 4.06
N GLY A 174 -2.74 4.25 3.03
CA GLY A 174 -3.73 3.19 3.02
C GLY A 174 -3.19 1.80 2.69
N VAL A 175 -1.95 1.71 2.25
CA VAL A 175 -1.14 0.50 2.04
C VAL A 175 -1.32 -0.01 0.61
N GLY A 176 -0.19 -0.12 -0.08
CA GLY A 176 -0.15 -0.60 -1.47
C GLY A 176 0.18 0.59 -2.35
N SER A 177 -0.81 1.08 -3.11
CA SER A 177 -0.58 2.19 -4.03
C SER A 177 -1.62 3.28 -3.86
N GLY A 178 -1.16 4.52 -4.02
CA GLY A 178 -2.01 5.66 -4.26
C GLY A 178 -2.18 5.93 -5.74
N LEU A 179 -2.53 7.14 -6.10
CA LEU A 179 -2.84 7.41 -7.51
C LEU A 179 -2.51 8.84 -7.88
N GLN A 180 -2.37 9.02 -9.19
CA GLN A 180 -2.33 10.36 -9.80
C GLN A 180 -3.65 10.48 -10.57
N LEU A 181 -4.41 11.53 -10.28
CA LEU A 181 -5.70 11.74 -10.96
C LEU A 181 -5.46 12.16 -12.41
N ASN A 182 -6.53 12.13 -13.19
CA ASN A 182 -6.47 12.51 -14.62
C ASN A 182 -5.93 13.95 -14.80
N ASP A 183 -6.32 14.87 -13.91
N ASP A 183 -6.31 14.87 -13.91
CA ASP A 183 -5.92 16.31 -13.91
CA ASP A 183 -5.84 16.27 -14.05
C ASP A 183 -4.48 16.49 -13.41
C ASP A 183 -4.49 16.50 -13.35
N GLY A 184 -3.85 15.44 -12.86
CA GLY A 184 -2.49 15.54 -12.29
C GLY A 184 -2.39 15.51 -10.79
N LYS A 185 -3.49 15.67 -10.05
CA LYS A 185 -3.37 15.74 -8.60
C LYS A 185 -2.84 14.39 -8.07
N LEU A 186 -1.98 14.47 -7.09
CA LEU A 186 -1.48 13.30 -6.35
C LEU A 186 -2.37 13.02 -5.18
N VAL A 187 -2.76 11.73 -5.01
CA VAL A 187 -3.65 11.37 -3.90
C VAL A 187 -3.08 10.11 -3.25
N PHE A 188 -2.80 10.22 -1.93
CA PHE A 188 -2.59 9.03 -1.11
C PHE A 188 -3.82 8.75 -0.31
N PRO A 189 -4.42 7.54 -0.44
CA PRO A 189 -5.38 7.12 0.57
C PRO A 189 -4.66 7.12 1.93
N VAL A 190 -5.39 7.45 3.00
CA VAL A 190 -4.81 7.41 4.33
C VAL A 190 -5.77 6.70 5.29
N GLN A 191 -5.15 6.27 6.38
CA GLN A 191 -5.81 5.73 7.58
C GLN A 191 -5.34 6.61 8.76
N MET A 192 -6.22 6.82 9.71
CA MET A 192 -5.85 7.64 10.87
C MET A 192 -6.39 7.02 12.14
N VAL A 193 -5.57 7.17 13.20
CA VAL A 193 -6.00 6.94 14.58
C VAL A 193 -6.38 8.30 15.13
N ARG A 194 -7.59 8.44 15.58
CA ARG A 194 -8.07 9.71 16.15
C ARG A 194 -7.65 9.84 17.61
N THR A 195 -7.61 11.06 18.10
CA THR A 195 -7.37 11.32 19.51
C THR A 195 -8.47 10.70 20.36
N LYS A 196 -8.19 10.49 21.63
CA LYS A 196 -9.04 9.68 22.53
C LYS A 196 -10.43 10.24 22.63
N ASN A 197 -10.58 11.56 22.63
CA ASN A 197 -11.89 12.21 22.75
C ASN A 197 -12.79 11.99 21.54
N ILE A 198 -12.29 11.53 20.44
CA ILE A 198 -13.12 11.23 19.25
C ILE A 198 -13.71 9.84 19.43
N THR A 199 -15.01 9.70 19.17
N THR A 199 -15.03 9.83 19.27
CA THR A 199 -15.69 8.40 19.42
CA THR A 199 -15.80 8.60 19.45
C THR A 199 -15.18 7.24 18.56
C THR A 199 -15.27 7.63 18.44
N THR A 200 -14.91 7.50 17.28
N THR A 200 -15.08 8.09 17.19
CA THR A 200 -14.38 6.53 16.29
CA THR A 200 -14.53 7.23 16.18
C THR A 200 -12.86 6.48 16.43
C THR A 200 -13.03 7.06 16.43
N VAL A 201 -12.37 5.32 16.72
N VAL A 201 -12.59 5.82 16.46
CA VAL A 201 -10.90 5.19 16.83
CA VAL A 201 -11.15 5.49 16.75
C VAL A 201 -10.26 5.48 15.49
C VAL A 201 -10.26 5.42 15.50
N LEU A 202 -10.78 4.86 14.42
CA LEU A 202 -10.16 4.87 13.10
C LEU A 202 -11.04 5.61 12.12
N ASN A 203 -10.39 6.31 11.17
CA ASN A 203 -11.05 6.86 10.00
C ASN A 203 -10.19 6.63 8.78
N THR A 204 -10.86 6.75 7.61
N THR A 204 -10.80 6.76 7.63
CA THR A 204 -10.17 6.80 6.33
CA THR A 204 -10.17 6.74 6.29
C THR A 204 -10.37 8.18 5.71
C THR A 204 -10.32 8.15 5.72
N SER A 205 -9.40 8.56 4.88
CA SER A 205 -9.47 9.84 4.16
C SER A 205 -8.43 9.77 3.04
N PHE A 206 -7.91 10.91 2.64
CA PHE A 206 -6.78 10.95 1.73
C PHE A 206 -6.03 12.27 2.00
N ILE A 207 -4.79 12.31 1.52
CA ILE A 207 -4.06 13.59 1.39
C ILE A 207 -3.79 13.80 -0.09
N TYR A 208 -3.73 15.08 -0.48
CA TYR A 208 -3.54 15.42 -1.88
C TYR A 208 -2.53 16.53 -2.05
N SER A 209 -1.94 16.58 -3.24
CA SER A 209 -0.86 17.54 -3.54
C SER A 209 -0.73 17.74 -5.04
N THR A 210 -0.25 18.91 -5.43
CA THR A 210 0.15 19.15 -6.81
C THR A 210 1.63 18.85 -7.03
N ASP A 211 2.52 19.27 -6.12
CA ASP A 211 3.98 19.17 -6.34
C ASP A 211 4.65 18.05 -5.58
N GLY A 212 3.92 17.33 -4.74
CA GLY A 212 4.53 16.30 -3.89
C GLY A 212 5.17 16.79 -2.63
N ILE A 213 5.17 18.12 -2.42
CA ILE A 213 5.84 18.78 -1.28
C ILE A 213 4.80 19.29 -0.29
N THR A 214 3.88 20.11 -0.79
CA THR A 214 2.80 20.65 0.02
C THR A 214 1.56 19.81 -0.16
N TRP A 215 1.08 19.24 0.94
CA TRP A 215 -0.07 18.36 0.97
C TRP A 215 -1.20 19.00 1.73
N SER A 216 -2.41 18.49 1.50
CA SER A 216 -3.62 18.94 2.17
C SER A 216 -4.46 17.75 2.59
N LEU A 217 -5.20 17.94 3.69
CA LEU A 217 -6.21 17.01 4.15
C LEU A 217 -7.57 17.63 3.84
N PRO A 218 -8.53 16.88 3.33
CA PRO A 218 -9.92 17.36 3.20
C PRO A 218 -10.56 17.52 4.55
N SER A 219 -11.69 18.20 4.62
CA SER A 219 -12.36 18.50 5.92
C SER A 219 -13.14 17.32 6.46
N GLY A 220 -13.55 16.39 5.63
CA GLY A 220 -14.35 15.30 6.07
C GLY A 220 -13.54 14.04 6.34
N TYR A 221 -14.28 13.04 6.82
CA TYR A 221 -13.72 11.72 7.10
C TYR A 221 -14.68 10.66 6.60
N CYS A 222 -14.14 9.54 6.18
CA CYS A 222 -14.92 8.32 5.94
C CYS A 222 -14.78 7.42 7.16
N GLU A 223 -15.81 6.65 7.43
CA GLU A 223 -15.77 5.64 8.49
C GLU A 223 -14.53 4.75 8.30
N GLY A 224 -13.93 4.35 9.42
CA GLY A 224 -12.65 3.67 9.35
C GLY A 224 -12.71 2.19 9.03
N PHE A 225 -13.61 1.44 9.66
CA PHE A 225 -13.60 -0.04 9.53
C PHE A 225 -12.20 -0.55 9.91
N GLY A 226 -11.59 -1.38 9.08
CA GLY A 226 -10.23 -1.83 9.30
C GLY A 226 -9.14 -1.00 8.64
N SER A 227 -9.56 0.19 8.18
CA SER A 227 -8.80 1.39 7.78
C SER A 227 -7.83 1.28 6.62
N GLU A 228 -7.11 0.17 6.43
CA GLU A 228 -6.33 0.01 5.23
C GLU A 228 -7.26 0.17 4.02
N ASN A 229 -6.86 0.92 3.02
CA ASN A 229 -7.75 1.19 1.91
C ASN A 229 -6.98 1.72 0.72
N ASN A 230 -7.60 1.59 -0.47
CA ASN A 230 -7.14 2.27 -1.68
C ASN A 230 -8.30 3.06 -2.28
N ILE A 231 -7.90 4.04 -3.08
CA ILE A 231 -8.82 4.92 -3.83
C ILE A 231 -8.60 4.71 -5.32
N ILE A 232 -9.73 4.77 -6.05
CA ILE A 232 -9.76 4.89 -7.52
C ILE A 232 -10.50 6.18 -7.88
N GLU A 233 -10.22 6.63 -9.10
CA GLU A 233 -10.92 7.79 -9.69
C GLU A 233 -11.97 7.24 -10.66
N PHE A 234 -13.22 7.69 -10.52
CA PHE A 234 -14.32 7.21 -11.40
C PHE A 234 -15.24 8.41 -11.64
N ASN A 235 -15.23 8.93 -12.88
CA ASN A 235 -15.95 10.18 -13.22
C ASN A 235 -15.44 11.30 -12.31
N ALA A 236 -16.32 12.06 -11.65
CA ALA A 236 -15.82 13.12 -10.76
C ALA A 236 -15.79 12.63 -9.30
N SER A 237 -15.81 11.32 -9.09
CA SER A 237 -15.74 10.76 -7.73
C SER A 237 -14.38 10.16 -7.43
N LEU A 238 -14.03 10.22 -6.15
CA LEU A 238 -12.97 9.34 -5.62
C LEU A 238 -13.74 8.25 -4.86
N VAL A 239 -13.32 7.01 -5.08
CA VAL A 239 -14.00 5.85 -4.51
C VAL A 239 -12.96 5.03 -3.74
N ASN A 240 -13.26 4.73 -2.46
CA ASN A 240 -12.34 3.90 -1.68
C ASN A 240 -12.84 2.47 -1.60
N ASN A 241 -11.94 1.60 -1.11
CA ASN A 241 -12.18 0.16 -0.98
C ASN A 241 -11.36 -0.25 0.25
N ILE A 242 -12.10 -0.52 1.32
CA ILE A 242 -11.60 -0.51 2.69
C ILE A 242 -11.66 -1.93 3.28
N ARG A 243 -10.58 -2.28 3.97
CA ARG A 243 -10.56 -3.48 4.81
C ARG A 243 -11.69 -3.42 5.85
N ASN A 244 -12.30 -4.59 6.08
CA ASN A 244 -13.31 -4.74 7.11
C ASN A 244 -13.39 -6.19 7.49
N SER A 245 -13.66 -6.49 8.74
CA SER A 245 -13.91 -7.90 9.13
C SER A 245 -15.19 -8.34 8.42
N GLY A 246 -15.11 -9.39 7.67
CA GLY A 246 -16.24 -9.82 6.84
C GLY A 246 -16.18 -9.14 5.47
N LEU A 247 -17.25 -8.42 5.15
CA LEU A 247 -17.42 -7.84 3.81
C LEU A 247 -16.68 -6.49 3.71
N ARG A 248 -15.90 -6.37 2.65
CA ARG A 248 -15.18 -5.14 2.38
C ARG A 248 -16.17 -3.98 2.16
N ARG A 249 -15.72 -2.75 2.46
CA ARG A 249 -16.60 -1.59 2.32
C ARG A 249 -16.04 -0.65 1.26
N SER A 250 -16.97 0.04 0.59
CA SER A 250 -16.57 1.00 -0.47
C SER A 250 -17.50 2.20 -0.44
N PHE A 251 -16.89 3.38 -0.37
CA PHE A 251 -17.58 4.66 -0.34
C PHE A 251 -17.04 5.55 -1.44
N GLU A 252 -17.87 6.51 -1.85
CA GLU A 252 -17.53 7.52 -2.84
C GLU A 252 -17.68 8.91 -2.25
N THR A 253 -16.82 9.79 -2.74
CA THR A 253 -16.92 11.23 -2.43
C THR A 253 -17.05 11.97 -3.77
N LYS A 254 -18.05 12.84 -3.83
CA LYS A 254 -18.33 13.65 -5.03
C LYS A 254 -17.95 15.11 -4.77
N ASP A 255 -17.45 15.40 -3.58
CA ASP A 255 -17.10 16.76 -3.14
C ASP A 255 -15.64 16.80 -2.65
N PHE A 256 -14.83 15.91 -3.11
CA PHE A 256 -13.38 15.89 -2.85
C PHE A 256 -13.12 15.80 -1.34
N GLY A 257 -13.82 14.86 -0.70
CA GLY A 257 -13.48 14.46 0.65
C GLY A 257 -14.21 15.19 1.76
N LYS A 258 -15.24 15.95 1.38
N LYS A 258 -15.25 15.98 1.61
CA LYS A 258 -16.12 16.59 2.34
CA LYS A 258 -16.01 16.44 2.80
C LYS A 258 -17.09 15.56 2.94
C LYS A 258 -17.07 15.39 3.17
N THR A 259 -17.67 14.70 2.14
CA THR A 259 -18.68 13.69 2.51
C THR A 259 -18.44 12.43 1.70
N TRP A 260 -18.82 11.31 2.29
CA TRP A 260 -18.71 9.99 1.67
C TRP A 260 -20.02 9.24 1.78
N THR A 261 -20.39 8.51 0.72
CA THR A 261 -21.61 7.69 0.68
C THR A 261 -21.27 6.33 0.09
N GLU A 262 -22.06 5.31 0.41
CA GLU A 262 -21.73 3.96 -0.08
C GLU A 262 -21.69 3.96 -1.60
N PHE A 263 -20.75 3.21 -2.16
CA PHE A 263 -20.57 3.04 -3.61
C PHE A 263 -21.08 1.64 -3.97
N PRO A 264 -22.29 1.49 -4.47
CA PRO A 264 -22.88 0.16 -4.63
C PRO A 264 -22.10 -0.81 -5.48
N PRO A 265 -21.38 -0.42 -6.54
CA PRO A 265 -20.72 -1.44 -7.35
C PRO A 265 -19.63 -2.19 -6.61
N MET A 266 -19.03 -1.63 -5.56
CA MET A 266 -18.02 -2.37 -4.79
C MET A 266 -18.41 -2.61 -3.33
N ASP A 267 -19.39 -1.93 -2.78
CA ASP A 267 -19.63 -2.06 -1.32
C ASP A 267 -20.11 -3.47 -1.01
N LYS A 268 -19.46 -4.14 -0.08
CA LYS A 268 -19.86 -5.44 0.45
C LYS A 268 -19.76 -6.53 -0.61
N LYS A 269 -18.96 -6.37 -1.64
CA LYS A 269 -18.91 -7.35 -2.75
C LYS A 269 -17.93 -8.49 -2.53
N VAL A 270 -16.88 -8.30 -1.77
CA VAL A 270 -15.86 -9.32 -1.50
C VAL A 270 -15.81 -9.56 0.01
N ASP A 271 -15.83 -10.84 0.37
CA ASP A 271 -15.77 -11.27 1.77
C ASP A 271 -14.35 -11.72 2.11
N ASN A 272 -13.72 -11.07 3.09
CA ASN A 272 -12.42 -11.51 3.60
C ASN A 272 -12.54 -12.23 4.95
N ARG A 273 -13.75 -12.39 5.45
CA ARG A 273 -14.00 -13.19 6.66
C ARG A 273 -13.27 -12.59 7.86
N ASN A 274 -13.04 -13.41 8.88
CA ASN A 274 -12.69 -12.83 10.19
C ASN A 274 -11.41 -11.99 10.10
N HIS A 275 -11.47 -10.87 10.80
CA HIS A 275 -10.44 -9.85 10.96
C HIS A 275 -10.24 -8.96 9.77
N GLY A 276 -10.64 -9.41 8.58
CA GLY A 276 -10.34 -8.67 7.36
C GLY A 276 -8.86 -8.75 7.02
N VAL A 277 -8.55 -8.12 5.87
CA VAL A 277 -7.18 -8.05 5.38
C VAL A 277 -7.08 -6.82 4.48
N GLN A 278 -5.89 -6.28 4.37
CA GLN A 278 -5.59 -5.29 3.34
C GLN A 278 -5.90 -5.88 1.97
N GLY A 279 -6.33 -5.00 1.06
CA GLY A 279 -6.53 -5.36 -0.33
C GLY A 279 -6.14 -4.21 -1.22
N SER A 280 -5.80 -4.55 -2.47
CA SER A 280 -5.36 -3.60 -3.49
C SER A 280 -6.49 -3.40 -4.50
N THR A 281 -6.81 -2.14 -4.84
CA THR A 281 -7.88 -1.86 -5.78
C THR A 281 -7.39 -0.80 -6.76
N ILE A 282 -7.48 -1.10 -8.04
CA ILE A 282 -7.01 -0.20 -9.12
C ILE A 282 -8.02 -0.22 -10.24
N THR A 283 -7.94 0.72 -11.16
CA THR A 283 -8.72 0.69 -12.38
C THR A 283 -7.87 0.29 -13.59
N ILE A 284 -8.59 -0.31 -14.56
CA ILE A 284 -8.04 -0.75 -15.85
C ILE A 284 -9.00 -0.23 -16.91
N PRO A 285 -8.51 0.51 -17.91
CA PRO A 285 -9.38 0.95 -18.99
C PRO A 285 -9.84 -0.19 -19.88
N SER A 286 -11.03 -0.02 -20.43
CA SER A 286 -11.56 -0.91 -21.45
C SER A 286 -12.30 0.00 -22.44
N GLY A 287 -11.67 0.38 -23.55
CA GLY A 287 -12.22 1.50 -24.36
C GLY A 287 -12.30 2.76 -23.52
N ASN A 288 -13.45 3.47 -23.56
CA ASN A 288 -13.61 4.63 -22.69
C ASN A 288 -14.39 4.29 -21.46
N LYS A 289 -14.39 2.99 -21.09
CA LYS A 289 -14.96 2.52 -19.84
C LYS A 289 -13.80 2.13 -18.91
N LEU A 290 -14.17 1.83 -17.67
CA LEU A 290 -13.22 1.43 -16.63
C LEU A 290 -13.74 0.17 -15.97
N VAL A 291 -12.80 -0.65 -15.54
N VAL A 291 -12.81 -0.65 -15.49
CA VAL A 291 -13.07 -1.85 -14.71
CA VAL A 291 -13.15 -1.84 -14.68
C VAL A 291 -12.21 -1.70 -13.47
C VAL A 291 -12.17 -1.91 -13.51
N ALA A 292 -12.69 -2.15 -12.31
CA ALA A 292 -11.81 -2.23 -11.15
C ALA A 292 -11.26 -3.64 -10.99
N ALA A 293 -9.96 -3.74 -10.80
CA ALA A 293 -9.28 -4.97 -10.44
C ALA A 293 -8.94 -4.88 -8.95
N HIS A 294 -9.14 -5.99 -8.25
CA HIS A 294 -9.01 -5.99 -6.79
C HIS A 294 -8.34 -7.27 -6.34
N SER A 295 -7.43 -7.18 -5.38
CA SER A 295 -6.84 -8.38 -4.79
C SER A 295 -6.98 -8.34 -3.27
N SER A 296 -7.42 -9.50 -2.72
CA SER A 296 -7.46 -9.71 -1.26
C SER A 296 -7.73 -11.21 -1.04
N ALA A 297 -7.71 -11.62 0.23
CA ALA A 297 -7.71 -13.03 0.59
C ALA A 297 -9.11 -13.59 0.79
N GLN A 298 -9.35 -14.80 0.27
CA GLN A 298 -10.62 -15.49 0.57
C GLN A 298 -10.70 -15.94 2.02
N ASN A 299 -9.56 -16.25 2.63
CA ASN A 299 -9.51 -16.57 4.07
C ASN A 299 -10.41 -17.78 4.39
N LYS A 300 -10.09 -18.92 3.75
CA LYS A 300 -10.91 -20.12 3.91
C LYS A 300 -10.90 -20.68 5.34
N ASN A 301 -9.87 -20.39 6.12
CA ASN A 301 -9.83 -20.86 7.52
C ASN A 301 -10.42 -19.85 8.47
N ASN A 302 -10.90 -18.72 7.97
CA ASN A 302 -11.67 -17.76 8.79
C ASN A 302 -10.80 -17.27 9.98
N ASP A 303 -9.56 -16.89 9.70
CA ASP A 303 -8.59 -16.58 10.78
C ASP A 303 -7.46 -15.74 10.20
N TYR A 304 -6.38 -15.63 10.95
CA TYR A 304 -5.24 -14.82 10.52
C TYR A 304 -4.39 -15.51 9.45
N THR A 305 -4.69 -16.75 9.05
CA THR A 305 -3.92 -17.34 7.96
C THR A 305 -4.27 -16.78 6.56
N ARG A 306 -5.42 -16.15 6.41
CA ARG A 306 -5.70 -15.33 5.20
C ARG A 306 -5.32 -16.10 3.92
N SER A 307 -5.91 -17.29 3.76
CA SER A 307 -5.61 -18.12 2.62
C SER A 307 -6.10 -17.48 1.32
N ASP A 308 -5.55 -18.01 0.22
CA ASP A 308 -6.17 -17.85 -1.10
C ASP A 308 -6.26 -16.38 -1.52
N ILE A 309 -5.08 -15.76 -1.67
CA ILE A 309 -5.03 -14.36 -2.13
C ILE A 309 -5.43 -14.37 -3.62
N SER A 310 -6.49 -13.59 -3.91
CA SER A 310 -7.23 -13.72 -5.17
C SER A 310 -7.43 -12.36 -5.82
N LEU A 311 -7.49 -12.43 -7.16
CA LEU A 311 -7.80 -11.30 -8.04
C LEU A 311 -9.25 -11.38 -8.48
N TYR A 312 -9.97 -10.28 -8.31
CA TYR A 312 -11.37 -10.12 -8.68
C TYR A 312 -11.48 -8.96 -9.66
N ALA A 313 -12.56 -9.03 -10.47
CA ALA A 313 -12.99 -7.88 -11.27
C ALA A 313 -14.32 -7.39 -10.72
N HIS A 314 -14.44 -6.07 -10.62
CA HIS A 314 -15.67 -5.39 -10.29
C HIS A 314 -16.16 -4.62 -11.51
N ASN A 315 -17.39 -4.95 -11.94
CA ASN A 315 -18.07 -4.17 -12.98
C ASN A 315 -18.62 -2.90 -12.32
N LEU A 316 -18.05 -1.76 -12.68
CA LEU A 316 -18.36 -0.48 -12.04
C LEU A 316 -19.69 0.12 -12.48
N TYR A 317 -20.32 -0.50 -13.45
CA TYR A 317 -21.60 -0.09 -14.03
C TYR A 317 -22.75 -0.93 -13.47
N SER A 318 -22.61 -2.26 -13.50
CA SER A 318 -23.65 -3.19 -13.04
C SER A 318 -23.48 -3.68 -11.65
N GLY A 319 -22.28 -3.59 -11.09
CA GLY A 319 -22.01 -4.13 -9.77
C GLY A 319 -21.72 -5.61 -9.71
N GLU A 320 -21.65 -6.29 -10.85
CA GLU A 320 -21.24 -7.69 -10.82
C GLU A 320 -19.80 -7.81 -10.33
N VAL A 321 -19.50 -8.93 -9.67
CA VAL A 321 -18.13 -9.26 -9.23
C VAL A 321 -17.82 -10.67 -9.63
N LYS A 322 -16.57 -10.93 -10.02
CA LYS A 322 -16.17 -12.33 -10.28
C LYS A 322 -14.70 -12.51 -9.92
N LEU A 323 -14.40 -13.75 -9.53
CA LEU A 323 -13.02 -14.24 -9.32
C LEU A 323 -12.32 -14.44 -10.63
N ILE A 324 -11.20 -13.81 -10.80
CA ILE A 324 -10.36 -13.92 -12.01
C ILE A 324 -9.31 -15.00 -11.80
N ASP A 325 -8.53 -14.94 -10.68
N ASP A 325 -8.99 -15.15 -10.53
CA ASP A 325 -7.41 -15.86 -10.46
CA ASP A 325 -7.82 -15.99 -10.26
C ASP A 325 -7.13 -15.94 -8.96
C ASP A 325 -7.57 -15.98 -8.78
N ASP A 326 -7.21 -17.12 -8.35
CA ASP A 326 -6.70 -17.32 -6.97
C ASP A 326 -5.19 -17.55 -7.14
N PHE A 327 -4.44 -16.44 -7.17
CA PHE A 327 -3.06 -16.49 -7.57
C PHE A 327 -2.14 -17.01 -6.46
N TYR A 328 -2.57 -16.95 -5.20
CA TYR A 328 -1.80 -17.57 -4.10
C TYR A 328 -2.75 -18.46 -3.32
N PRO A 329 -3.02 -19.68 -3.85
CA PRO A 329 -4.09 -20.53 -3.35
C PRO A 329 -3.61 -21.38 -2.17
N LYS A 330 -3.01 -20.72 -1.18
CA LYS A 330 -2.30 -21.34 -0.08
C LYS A 330 -2.73 -20.69 1.23
N VAL A 331 -2.67 -21.48 2.29
CA VAL A 331 -2.84 -20.98 3.66
C VAL A 331 -1.60 -20.18 4.03
N GLY A 332 -1.79 -18.96 4.47
CA GLY A 332 -0.71 -18.10 4.85
C GLY A 332 -0.19 -18.38 6.26
N ASN A 333 0.92 -17.73 6.57
CA ASN A 333 1.54 -17.80 7.92
C ASN A 333 0.85 -16.79 8.81
N ALA A 334 0.14 -17.26 9.84
CA ALA A 334 -0.64 -16.36 10.70
C ALA A 334 0.20 -15.35 11.50
N SER A 335 1.52 -15.50 11.50
CA SER A 335 2.37 -14.43 12.02
C SER A 335 2.25 -13.14 11.21
N GLY A 336 1.78 -13.24 9.96
CA GLY A 336 1.54 -12.05 9.13
C GLY A 336 1.45 -12.51 7.68
N ALA A 337 0.25 -12.43 7.13
CA ALA A 337 -0.09 -13.00 5.83
C ALA A 337 -1.12 -12.11 5.12
N GLY A 338 -1.27 -12.45 3.80
CA GLY A 338 -2.47 -12.04 3.06
C GLY A 338 -2.38 -10.78 2.24
N TYR A 339 -1.40 -9.90 2.48
CA TYR A 339 -1.40 -8.58 1.85
C TYR A 339 -0.91 -8.67 0.41
N SER A 340 -1.30 -7.67 -0.39
CA SER A 340 -1.00 -7.69 -1.83
C SER A 340 -0.98 -6.27 -2.39
N CYS A 341 -0.47 -6.18 -3.63
CA CYS A 341 -0.51 -4.90 -4.35
C CYS A 341 -0.49 -5.20 -5.86
N LEU A 342 -1.45 -4.61 -6.58
CA LEU A 342 -1.56 -4.70 -8.04
C LEU A 342 -0.90 -3.50 -8.68
N SER A 343 -0.49 -3.66 -9.95
CA SER A 343 0.04 -2.57 -10.75
C SER A 343 -0.30 -2.78 -12.21
N TYR A 344 -1.01 -1.84 -12.82
CA TYR A 344 -1.36 -1.88 -14.25
C TYR A 344 -0.76 -0.72 -14.96
N ARG A 345 -0.27 -0.95 -16.17
CA ARG A 345 0.13 0.10 -17.08
C ARG A 345 -0.12 -0.26 -18.51
N LYS A 346 -0.36 0.69 -19.39
N LYS A 346 -0.28 0.77 -19.32
CA LYS A 346 -0.14 0.43 -20.83
CA LYS A 346 -0.18 0.67 -20.81
C LYS A 346 0.95 1.39 -21.30
C LYS A 346 1.03 1.50 -21.21
N ASN A 347 2.09 0.84 -21.62
CA ASN A 347 3.28 1.50 -22.10
C ASN A 347 3.42 1.22 -23.62
N VAL A 348 3.31 2.25 -24.41
CA VAL A 348 3.18 2.09 -25.87
C VAL A 348 1.91 1.30 -26.08
N ASP A 349 1.99 0.13 -26.75
CA ASP A 349 0.83 -0.73 -26.92
C ASP A 349 0.88 -1.96 -25.98
N LYS A 350 1.78 -2.01 -25.01
CA LYS A 350 1.99 -3.18 -24.13
C LYS A 350 1.26 -2.97 -22.79
N GLU A 351 0.22 -3.75 -22.55
CA GLU A 351 -0.47 -3.68 -21.28
C GLU A 351 0.08 -4.71 -20.34
N THR A 352 0.38 -4.31 -19.11
CA THR A 352 0.85 -5.24 -18.07
C THR A 352 -0.03 -5.11 -16.86
N LEU A 353 -0.28 -6.27 -16.23
CA LEU A 353 -0.93 -6.33 -14.92
C LEU A 353 -0.07 -7.24 -14.05
N TYR A 354 0.51 -6.67 -13.00
CA TYR A 354 1.39 -7.40 -12.09
C TYR A 354 0.76 -7.41 -10.70
N VAL A 355 1.18 -8.41 -9.90
CA VAL A 355 0.82 -8.44 -8.48
C VAL A 355 2.06 -8.85 -7.68
N VAL A 356 2.11 -8.31 -6.45
CA VAL A 356 3.01 -8.81 -5.43
C VAL A 356 2.18 -9.14 -4.20
N TYR A 357 2.68 -10.08 -3.39
CA TYR A 357 1.88 -10.56 -2.25
C TYR A 357 2.78 -11.28 -1.25
N GLU A 358 2.23 -11.38 -0.05
CA GLU A 358 2.87 -12.07 1.07
C GLU A 358 2.75 -13.59 0.93
N ALA A 359 3.88 -14.27 1.11
CA ALA A 359 3.94 -15.73 0.95
C ALA A 359 4.91 -16.30 2.01
N ASN A 360 4.37 -16.71 3.14
CA ASN A 360 5.17 -17.33 4.22
C ASN A 360 6.42 -16.51 4.57
N GLY A 361 6.25 -15.22 4.78
CA GLY A 361 7.33 -14.33 5.14
C GLY A 361 8.16 -13.77 3.99
N SER A 362 7.96 -14.33 2.77
CA SER A 362 8.60 -13.79 1.57
C SER A 362 7.60 -12.89 0.85
N ILE A 363 8.12 -12.14 -0.13
CA ILE A 363 7.25 -11.40 -1.08
C ILE A 363 7.49 -12.05 -2.45
N GLU A 364 6.36 -12.46 -3.06
CA GLU A 364 6.40 -13.03 -4.42
C GLU A 364 5.72 -12.07 -5.40
N PHE A 365 6.08 -12.25 -6.66
CA PHE A 365 5.58 -11.47 -7.80
C PHE A 365 4.98 -12.43 -8.84
N GLN A 366 3.87 -12.02 -9.44
CA GLN A 366 3.35 -12.74 -10.62
C GLN A 366 2.94 -11.73 -11.69
N ASP A 367 3.20 -12.12 -12.93
CA ASP A 367 2.71 -11.37 -14.10
C ASP A 367 1.34 -11.96 -14.44
N LEU A 368 0.30 -11.19 -14.17
CA LEU A 368 -1.10 -11.59 -14.39
C LEU A 368 -1.67 -11.01 -15.69
N SER A 369 -0.80 -10.58 -16.60
CA SER A 369 -1.27 -9.90 -17.82
C SER A 369 -2.18 -10.78 -18.66
N ARG A 370 -2.06 -12.12 -18.60
N ARG A 370 -1.91 -12.05 -18.69
CA ARG A 370 -2.95 -13.03 -19.37
CA ARG A 370 -2.80 -12.83 -19.55
C ARG A 370 -4.41 -12.86 -19.00
C ARG A 370 -4.26 -12.69 -19.12
N HIS A 371 -4.65 -12.31 -17.85
CA HIS A 371 -6.04 -12.16 -17.38
C HIS A 371 -6.66 -10.86 -17.90
N LEU A 372 -5.89 -9.96 -18.51
CA LEU A 372 -6.45 -8.66 -18.92
C LEU A 372 -7.66 -8.76 -19.83
N PRO A 373 -7.73 -9.68 -20.83
CA PRO A 373 -8.94 -9.71 -21.66
C PRO A 373 -10.20 -10.01 -20.84
N VAL A 374 -10.06 -10.90 -19.85
CA VAL A 374 -11.21 -11.25 -19.01
C VAL A 374 -11.60 -10.06 -18.16
N ILE A 375 -10.65 -9.41 -17.51
CA ILE A 375 -10.98 -8.24 -16.68
C ILE A 375 -11.62 -7.13 -17.54
N LYS A 376 -11.01 -6.83 -18.68
CA LYS A 376 -11.42 -5.70 -19.51
C LYS A 376 -12.86 -5.91 -20.04
N SER A 377 -13.18 -7.13 -20.27
N SER A 377 -13.58 -7.15 -19.82
CA SER A 377 -14.51 -7.39 -20.80
CA SER A 377 -15.00 -7.60 -20.21
C SER A 377 -15.59 -7.21 -19.75
C SER A 377 -16.14 -7.35 -19.14
N TYR A 378 -15.23 -6.93 -18.50
N TYR A 378 -15.75 -6.98 -17.93
CA TYR A 378 -16.23 -6.95 -17.39
CA TYR A 378 -16.71 -6.54 -16.90
C TYR A 378 -16.77 -5.53 -17.14
C TYR A 378 -16.93 -5.04 -17.02
N ASN A 379 -17.51 -5.07 -18.17
N ASN A 379 -17.56 -4.66 -18.14
CA ASN A 379 -18.16 -3.74 -18.13
CA ASN A 379 -17.74 -3.23 -18.54
C ASN A 379 -19.52 -3.87 -18.78
C ASN A 379 -19.21 -3.02 -18.95
C1 GOL B . 20.90 -6.24 -0.90
O1 GOL B . 22.00 -5.55 -1.49
C2 GOL B . 20.88 -7.72 -1.16
O2 GOL B . 20.74 -8.18 -2.52
C3 GOL B . 19.71 -8.34 -0.44
O3 GOL B . 19.94 -9.73 -0.21
H11 GOL B . 20.05 -5.86 -1.26
H12 GOL B . 20.93 -6.11 0.08
HO1 GOL B . 21.95 -4.73 -1.31
H2 GOL B . 21.73 -8.11 -0.83
HO2 GOL B . 20.05 -8.66 -2.57
H31 GOL B . 18.90 -8.23 -1.00
H32 GOL B . 19.59 -7.88 0.42
HO3 GOL B . 20.70 -9.93 -0.53
C1 GOL C . 1.36 0.33 12.92
O1 GOL C . 1.68 0.02 14.27
C2 GOL C . 0.39 -0.73 12.44
O2 GOL C . 1.07 -1.97 12.22
C3 GOL C . -0.28 -0.33 11.16
O3 GOL C . -1.30 -1.22 10.77
H11 GOL C . 2.18 0.32 12.38
H12 GOL C . 0.95 1.23 12.89
HO1 GOL C . 2.22 0.60 14.55
H2 GOL C . -0.30 -0.87 13.13
HO2 GOL C . 0.93 -2.20 11.42
H31 GOL C . 0.38 -0.29 10.43
H32 GOL C . -0.69 0.57 11.28
HO3 GOL C . -1.35 -1.84 11.34
C1 GOL D . 4.20 6.91 -14.75
O1 GOL D . 4.78 8.19 -15.13
C2 GOL D . 2.77 7.44 -14.95
O2 GOL D . 2.40 7.69 -16.35
C3 GOL D . 1.69 6.75 -14.16
O3 GOL D . 0.45 7.44 -14.27
H11 GOL D . 4.49 6.68 -13.82
H12 GOL D . 4.53 6.22 -15.38
HO1 GOL D . 5.62 8.12 -15.08
H2 GOL D . 2.75 8.40 -14.68
HO2 GOL D . 1.62 7.39 -16.47
H31 GOL D . 1.96 6.72 -13.21
H32 GOL D . 1.58 5.84 -14.50
HO3 GOL D . 0.57 8.13 -14.77
C1 GOL E . -2.18 5.32 -10.38
O1 GOL E . -2.55 6.63 -10.81
C2 GOL E . -0.74 4.84 -10.38
O2 GOL E . 0.11 5.75 -11.03
C3 GOL E . -0.27 4.14 -9.23
O3 GOL E . 0.97 4.34 -8.65
H11 GOL E . -2.65 4.65 -10.94
H12 GOL E . -2.44 5.21 -9.43
HO1 GOL E . -3.39 6.72 -10.73
H2 GOL E . -0.63 4.21 -11.15
HO2 GOL E . 0.85 5.76 -10.61
H31 GOL E . -0.23 3.17 -9.42
H32 GOL E . -0.87 4.31 -8.47
HO3 GOL E . 1.38 4.94 -9.09
P PO4 F . -3.98 -7.17 12.12
P PO4 F . 0.52 -4.53 14.39
O1 PO4 F . -3.90 -7.27 10.58
O1 PO4 F . -0.67 -4.01 14.44
O2 PO4 F . -2.98 -8.05 12.82
O2 PO4 F . 1.56 -3.56 14.21
O3 PO4 F . -3.72 -5.66 12.47
O3 PO4 F . 0.74 -5.35 15.61
O4 PO4 F . -5.42 -7.45 12.58
O4 PO4 F . 0.61 -5.52 13.22
C1 GOL G . 8.93 12.30 15.08
O1 GOL G . 7.89 12.89 14.28
C2 GOL G . 10.32 12.06 14.45
O2 GOL G . 10.64 12.29 13.02
C3 GOL G . 11.39 12.24 15.51
O3 GOL G . 12.63 12.74 15.02
H11 GOL G . 8.63 11.41 15.38
H12 GOL G . 9.10 12.87 15.87
HO1 GOL G . 7.20 12.97 14.75
H2 GOL G . 10.35 11.14 14.10
HO2 GOL G . 11.47 12.51 12.97
H31 GOL G . 11.60 11.37 15.93
H32 GOL G . 11.08 12.88 16.20
HO3 GOL G . 12.55 12.87 14.20
#